data_5TFA
#
_entry.id   5TFA
#
_cell.length_a   40.115
_cell.length_b   40.115
_cell.length_c   141.592
_cell.angle_alpha   90.00
_cell.angle_beta   90.00
_cell.angle_gamma   90.00
#
_symmetry.space_group_name_H-M   'P 43'
#
loop_
_entity.id
_entity.type
_entity.pdbx_description
1 polymer 'Cystic fibrosis transmembrane conductance regulator'
2 non-polymer "DEOXYURIDINE-5'-TRIPHOSPHATE"
3 non-polymer 'MAGNESIUM ION'
4 water water
#
_entity_poly.entity_id   1
_entity_poly.type   'polypeptide(L)'
_entity_poly.pdbx_seq_one_letter_code
;SLTTTEVVMENVTAFWEEGGTPVLKDINFKIERGQLLAVAGSTGAGKTSLLMMIMGELEPSEGKIKHSGRISFCSQFSWI
MPGTIKENIIFGVSYDEYRYRSVIKACQLEEDISKFAEKDNIVLGEGGITLSGGQRARISLARAVYKDADLYLLDSPFGY
LDVLTEKEIFESCVCKLMANKTRILVTSKMEHLKKADKILILHEGSSYFYGTFSELQNLQPDFSSKLMG
;
_entity_poly.pdbx_strand_id   A
#
# COMPACT_ATOMS: atom_id res chain seq x y z
N THR A 5 -11.59 4.88 15.89
CA THR A 5 -11.15 3.82 14.98
C THR A 5 -11.37 4.22 13.53
N GLU A 6 -10.41 3.89 12.68
CA GLU A 6 -10.51 4.22 11.27
C GLU A 6 -10.93 3.02 10.44
N VAL A 7 -10.39 1.83 10.72
CA VAL A 7 -10.76 0.61 10.02
C VAL A 7 -10.88 -0.49 11.06
N VAL A 8 -11.97 -1.24 10.99
CA VAL A 8 -12.19 -2.42 11.83
C VAL A 8 -12.64 -3.57 10.96
N MET A 9 -12.07 -4.76 11.17
CA MET A 9 -12.69 -6.00 10.76
C MET A 9 -12.96 -6.83 11.99
N GLU A 10 -14.16 -7.40 12.06
CA GLU A 10 -14.58 -8.19 13.21
C GLU A 10 -15.15 -9.51 12.69
N ASN A 11 -14.47 -10.61 12.99
CA ASN A 11 -14.93 -11.96 12.59
C ASN A 11 -15.28 -12.03 11.10
N VAL A 12 -14.46 -11.41 10.26
CA VAL A 12 -14.78 -11.33 8.83
C VAL A 12 -14.42 -12.62 8.10
N THR A 13 -15.39 -13.18 7.39
CA THR A 13 -15.18 -14.28 6.46
C THR A 13 -15.75 -13.85 5.12
N ALA A 14 -15.07 -14.20 4.03
CA ALA A 14 -15.53 -13.80 2.70
C ALA A 14 -15.12 -14.84 1.66
N PHE A 15 -15.85 -14.82 0.54
CA PHE A 15 -15.69 -15.73 -0.58
C PHE A 15 -15.68 -14.92 -1.87
N TRP A 16 -14.75 -15.26 -2.78
CA TRP A 16 -14.82 -14.75 -4.13
C TRP A 16 -15.82 -15.51 -4.98
N GLU A 17 -16.02 -16.78 -4.66
CA GLU A 17 -16.90 -17.66 -5.40
C GLU A 17 -17.84 -18.33 -4.40
N GLU A 18 -19.14 -18.20 -4.62
CA GLU A 18 -20.09 -18.87 -3.73
C GLU A 18 -19.82 -20.37 -3.70
N GLY A 19 -19.84 -20.93 -2.50
CA GLY A 19 -19.54 -22.34 -2.36
C GLY A 19 -18.10 -22.71 -2.62
N GLY A 20 -17.19 -21.74 -2.56
CA GLY A 20 -15.77 -22.01 -2.67
C GLY A 20 -15.09 -22.08 -1.31
N THR A 21 -13.77 -22.05 -1.35
CA THR A 21 -13.00 -21.91 -0.12
C THR A 21 -12.97 -20.44 0.29
N PRO A 22 -13.16 -20.12 1.57
CA PRO A 22 -13.12 -18.71 1.98
C PRO A 22 -11.76 -18.12 1.65
N VAL A 23 -11.77 -16.90 1.11
CA VAL A 23 -10.51 -16.20 0.85
C VAL A 23 -10.00 -15.50 2.10
N LEU A 24 -10.91 -15.16 3.02
CA LEU A 24 -10.58 -14.63 4.33
C LEU A 24 -11.45 -15.36 5.34
N LYS A 25 -10.87 -15.73 6.48
CA LYS A 25 -11.55 -16.55 7.48
C LYS A 25 -11.36 -15.95 8.87
N ASP A 26 -12.46 -15.52 9.48
CA ASP A 26 -12.47 -15.00 10.86
C ASP A 26 -11.32 -14.02 11.11
N ILE A 27 -11.28 -12.98 10.27
CA ILE A 27 -10.25 -11.97 10.35
C ILE A 27 -10.67 -10.88 11.33
N ASN A 28 -9.73 -10.45 12.17
CA ASN A 28 -9.97 -9.41 13.17
C ASN A 28 -8.81 -8.43 13.19
N PHE A 29 -9.11 -7.13 13.11
CA PHE A 29 -8.10 -6.11 13.37
C PHE A 29 -8.78 -4.77 13.60
N LYS A 30 -8.02 -3.85 14.19
CA LYS A 30 -8.46 -2.48 14.34
C LYS A 30 -7.28 -1.53 14.13
N ILE A 31 -7.49 -0.48 13.33
CA ILE A 31 -6.53 0.59 13.08
C ILE A 31 -7.13 1.90 13.58
N GLU A 32 -6.42 2.62 14.44
CA GLU A 32 -6.85 3.97 14.77
C GLU A 32 -6.38 4.96 13.71
N ARG A 33 -7.02 6.12 13.68
CA ARG A 33 -6.61 7.21 12.80
C ARG A 33 -5.12 7.51 12.96
N GLY A 34 -4.40 7.54 11.85
CA GLY A 34 -2.98 7.82 11.87
C GLY A 34 -2.05 6.64 12.09
N GLN A 35 -2.60 5.44 12.31
CA GLN A 35 -1.74 4.30 12.58
C GLN A 35 -1.34 3.59 11.28
N LEU A 36 -0.35 2.71 11.41
CA LEU A 36 0.13 1.86 10.35
C LEU A 36 -0.16 0.40 10.71
N LEU A 37 -0.91 -0.27 9.84
CA LEU A 37 -1.09 -1.72 9.89
C LEU A 37 -0.25 -2.36 8.80
N ALA A 38 0.57 -3.34 9.18
CA ALA A 38 1.33 -4.15 8.22
C ALA A 38 0.60 -5.47 8.03
N VAL A 39 0.38 -5.83 6.77
CA VAL A 39 -0.32 -7.07 6.42
C VAL A 39 0.68 -7.96 5.68
N ALA A 40 0.95 -9.14 6.22
CA ALA A 40 1.98 -10.02 5.69
C ALA A 40 1.37 -11.38 5.40
N GLY A 41 2.14 -12.23 4.71
CA GLY A 41 1.69 -13.60 4.42
C GLY A 41 2.07 -14.06 3.04
N SER A 42 2.00 -15.37 2.79
CA SER A 42 2.49 -15.95 1.56
CA SER A 42 2.49 -15.96 1.55
C SER A 42 1.56 -15.64 0.39
N THR A 43 2.01 -16.00 -0.82
CA THR A 43 1.20 -15.73 -1.99
C THR A 43 -0.12 -16.50 -1.86
N GLY A 44 -1.21 -15.84 -2.25
CA GLY A 44 -2.54 -16.42 -2.11
C GLY A 44 -3.12 -16.37 -0.72
N ALA A 45 -2.45 -15.72 0.24
CA ALA A 45 -2.95 -15.73 1.62
C ALA A 45 -4.18 -14.86 1.81
N GLY A 46 -4.42 -13.88 0.92
CA GLY A 46 -5.62 -13.06 1.01
C GLY A 46 -5.37 -11.58 1.25
N LYS A 47 -4.12 -11.13 1.09
CA LYS A 47 -3.74 -9.76 1.45
C LYS A 47 -4.41 -8.75 0.52
N THR A 48 -4.25 -8.91 -0.79
CA THR A 48 -4.94 -8.01 -1.72
C THR A 48 -6.45 -8.10 -1.56
N SER A 49 -6.97 -9.32 -1.34
CA SER A 49 -8.40 -9.50 -1.13
C SER A 49 -8.89 -8.69 0.07
N LEU A 50 -8.08 -8.63 1.13
CA LEU A 50 -8.44 -7.83 2.29
C LEU A 50 -8.59 -6.36 1.92
N LEU A 51 -7.61 -5.84 1.15
CA LEU A 51 -7.70 -4.47 0.65
C LEU A 51 -8.95 -4.27 -0.21
N MET A 52 -9.25 -5.25 -1.07
CA MET A 52 -10.44 -5.17 -1.91
CA MET A 52 -10.43 -5.13 -1.91
C MET A 52 -11.71 -5.07 -1.08
N MET A 53 -11.76 -5.78 0.05
CA MET A 53 -12.90 -5.66 0.95
CA MET A 53 -12.92 -5.65 0.91
C MET A 53 -13.04 -4.25 1.48
N ILE A 54 -11.91 -3.63 1.84
CA ILE A 54 -11.96 -2.26 2.34
C ILE A 54 -12.43 -1.33 1.24
N MET A 55 -12.07 -1.62 0.00
CA MET A 55 -12.52 -0.77 -1.10
C MET A 55 -13.91 -1.13 -1.60
N GLY A 56 -14.56 -2.11 -0.98
CA GLY A 56 -15.93 -2.46 -1.32
C GLY A 56 -16.11 -3.34 -2.52
N GLU A 57 -15.06 -4.00 -2.98
CA GLU A 57 -15.14 -4.89 -4.12
C GLU A 57 -15.35 -6.33 -3.70
N LEU A 58 -15.54 -6.58 -2.42
CA LEU A 58 -15.75 -7.92 -1.90
C LEU A 58 -16.51 -7.78 -0.60
N GLU A 59 -17.67 -8.42 -0.51
CA GLU A 59 -18.49 -8.22 0.68
C GLU A 59 -18.31 -9.38 1.65
N PRO A 60 -18.41 -9.14 2.95
CA PRO A 60 -18.26 -10.23 3.91
C PRO A 60 -19.50 -11.12 3.95
N SER A 61 -19.25 -12.43 4.06
CA SER A 61 -20.33 -13.38 4.32
CA SER A 61 -20.32 -13.39 4.32
C SER A 61 -20.64 -13.47 5.81
N GLU A 62 -19.65 -13.21 6.65
CA GLU A 62 -19.77 -13.20 8.10
C GLU A 62 -19.01 -12.00 8.61
N GLY A 63 -19.42 -11.47 9.75
CA GLY A 63 -18.65 -10.42 10.40
C GLY A 63 -19.04 -9.02 9.98
N LYS A 64 -18.35 -8.07 10.61
CA LYS A 64 -18.60 -6.64 10.47
C LYS A 64 -17.33 -5.92 10.01
N ILE A 65 -17.52 -4.86 9.23
CA ILE A 65 -16.41 -4.04 8.78
C ILE A 65 -16.76 -2.57 8.96
N LYS A 66 -15.80 -1.79 9.44
CA LYS A 66 -15.93 -0.35 9.54
C LYS A 66 -14.82 0.32 8.75
N HIS A 67 -15.17 1.28 7.91
CA HIS A 67 -14.20 2.24 7.41
C HIS A 67 -14.95 3.35 6.73
N SER A 68 -14.45 4.57 6.86
CA SER A 68 -15.03 5.71 6.18
CA SER A 68 -15.04 5.71 6.17
C SER A 68 -13.92 6.54 5.56
N GLY A 69 -14.30 7.36 4.59
CA GLY A 69 -13.37 8.30 4.01
C GLY A 69 -12.84 7.84 2.67
N ARG A 70 -12.12 8.77 2.05
CA ARG A 70 -11.55 8.53 0.74
C ARG A 70 -10.37 7.59 0.88
N ILE A 71 -10.21 6.72 -0.10
CA ILE A 71 -9.13 5.75 -0.14
C ILE A 71 -8.18 6.14 -1.26
N SER A 72 -6.87 5.99 -1.01
CA SER A 72 -5.89 5.95 -2.08
C SER A 72 -5.25 4.57 -2.10
N PHE A 73 -5.27 3.90 -3.26
CA PHE A 73 -4.83 2.52 -3.39
C PHE A 73 -3.64 2.45 -4.33
N CYS A 74 -2.57 1.78 -3.90
CA CYS A 74 -1.39 1.51 -4.72
C CYS A 74 -1.34 0.01 -5.01
N SER A 75 -1.61 -0.35 -6.27
CA SER A 75 -1.61 -1.76 -6.67
C SER A 75 -0.22 -2.38 -6.58
N GLN A 76 -0.17 -3.69 -6.33
CA GLN A 76 1.10 -4.40 -6.37
C GLN A 76 1.65 -4.51 -7.77
N PHE A 77 0.85 -4.22 -8.79
CA PHE A 77 1.28 -4.19 -10.19
C PHE A 77 1.40 -2.74 -10.58
N SER A 78 2.63 -2.27 -10.74
CA SER A 78 2.86 -0.88 -11.10
CA SER A 78 2.87 -0.88 -11.11
C SER A 78 2.35 -0.61 -12.51
N TRP A 79 1.94 0.62 -12.75
CA TRP A 79 1.40 0.96 -14.05
C TRP A 79 1.67 2.42 -14.35
N ILE A 80 1.66 2.71 -15.64
CA ILE A 80 1.97 4.02 -16.20
C ILE A 80 0.94 4.31 -17.29
N MET A 81 0.46 5.54 -17.36
CA MET A 81 -0.37 5.97 -18.48
C MET A 81 0.39 6.99 -19.32
N PRO A 82 0.04 7.10 -20.60
CA PRO A 82 0.75 8.06 -21.46
C PRO A 82 0.65 9.46 -20.90
N GLY A 83 1.79 10.10 -20.74
CA GLY A 83 1.84 11.45 -20.20
C GLY A 83 3.18 11.66 -19.51
N THR A 84 3.37 12.89 -19.03
CA THR A 84 4.65 13.16 -18.37
C THR A 84 4.73 12.44 -17.03
N ILE A 85 5.94 12.42 -16.47
CA ILE A 85 6.08 11.82 -15.15
C ILE A 85 5.31 12.66 -14.13
N LYS A 86 5.27 13.99 -14.32
CA LYS A 86 4.46 14.80 -13.41
C LYS A 86 2.97 14.48 -13.54
N GLU A 87 2.47 14.34 -14.78
CA GLU A 87 1.07 13.99 -14.98
C GLU A 87 0.75 12.63 -14.41
N ASN A 88 1.68 11.68 -14.53
CA ASN A 88 1.42 10.35 -13.97
C ASN A 88 1.31 10.39 -12.46
N ILE A 89 2.05 11.27 -11.81
CA ILE A 89 2.06 11.28 -10.35
C ILE A 89 0.86 12.05 -9.81
N ILE A 90 0.57 13.23 -10.37
CA ILE A 90 -0.58 13.95 -9.84
C ILE A 90 -1.88 13.32 -10.35
N PHE A 91 -1.86 12.70 -11.52
CA PHE A 91 -2.94 11.88 -12.07
C PHE A 91 -4.33 12.48 -11.79
N GLY A 92 -4.54 13.67 -12.36
CA GLY A 92 -5.83 14.33 -12.31
C GLY A 92 -6.14 15.08 -11.03
N VAL A 93 -5.30 14.96 -10.00
CA VAL A 93 -5.44 15.69 -8.74
C VAL A 93 -4.86 17.08 -8.96
N SER A 94 -5.39 18.08 -8.24
CA SER A 94 -4.91 19.44 -8.39
C SER A 94 -3.43 19.50 -8.01
N TYR A 95 -2.69 20.38 -8.70
CA TYR A 95 -1.24 20.42 -8.59
C TYR A 95 -0.81 21.42 -7.54
N ASP A 96 0.15 21.01 -6.71
CA ASP A 96 0.82 21.92 -5.79
C ASP A 96 2.31 21.59 -5.83
N GLU A 97 3.13 22.61 -6.11
CA GLU A 97 4.57 22.38 -6.25
C GLU A 97 5.16 21.74 -5.00
N TYR A 98 4.87 22.29 -3.82
CA TYR A 98 5.51 21.81 -2.61
C TYR A 98 5.13 20.35 -2.34
N ARG A 99 3.84 20.06 -2.45
CA ARG A 99 3.35 18.69 -2.23
C ARG A 99 3.99 17.71 -3.20
N TYR A 100 4.01 18.07 -4.49
CA TYR A 100 4.60 17.21 -5.51
C TYR A 100 6.09 16.98 -5.23
N ARG A 101 6.83 18.05 -4.97
CA ARG A 101 8.26 17.90 -4.71
C ARG A 101 8.49 17.07 -3.46
N SER A 102 7.65 17.21 -2.44
CA SER A 102 7.85 16.41 -1.23
C SER A 102 7.69 14.92 -1.54
N VAL A 103 6.72 14.58 -2.39
CA VAL A 103 6.48 13.19 -2.74
C VAL A 103 7.62 12.64 -3.58
N ILE A 104 8.06 13.38 -4.61
CA ILE A 104 9.09 12.78 -5.45
C ILE A 104 10.40 12.65 -4.69
N LYS A 105 10.70 13.58 -3.77
CA LYS A 105 11.88 13.42 -2.93
C LYS A 105 11.75 12.20 -2.02
N ALA A 106 10.56 12.01 -1.44
CA ALA A 106 10.37 10.89 -0.52
C ALA A 106 10.45 9.56 -1.24
N CYS A 107 10.14 9.56 -2.55
CA CYS A 107 10.18 8.36 -3.37
C CYS A 107 11.47 8.23 -4.18
N GLN A 108 12.47 9.07 -3.89
CA GLN A 108 13.79 9.03 -4.55
C GLN A 108 13.70 9.27 -6.07
N LEU A 109 12.63 9.90 -6.53
CA LEU A 109 12.47 10.18 -7.95
C LEU A 109 13.13 11.48 -8.41
N GLU A 110 13.51 12.37 -7.49
CA GLU A 110 14.21 13.58 -7.91
C GLU A 110 15.52 13.21 -8.60
N GLU A 111 16.21 12.21 -8.06
CA GLU A 111 17.40 11.64 -8.68
C GLU A 111 17.17 11.26 -10.13
N ASP A 112 16.20 10.38 -10.39
CA ASP A 112 15.93 9.97 -11.76
C ASP A 112 15.56 11.17 -12.63
N ILE A 113 14.67 12.02 -12.11
CA ILE A 113 14.13 13.10 -12.94
C ILE A 113 15.22 14.10 -13.31
N SER A 114 16.12 14.41 -12.36
CA SER A 114 17.18 15.38 -12.62
C SER A 114 18.07 14.99 -13.80
N LYS A 115 18.10 13.72 -14.19
CA LYS A 115 18.99 13.28 -15.25
C LYS A 115 18.41 13.46 -16.65
N PHE A 116 17.10 13.71 -16.78
CA PHE A 116 16.50 13.97 -18.09
C PHE A 116 16.50 15.45 -18.41
N ALA A 117 16.80 15.79 -19.67
CA ALA A 117 16.78 17.20 -20.07
C ALA A 117 15.40 17.80 -19.95
N GLU A 118 14.35 16.99 -20.12
CA GLU A 118 12.98 17.49 -19.97
C GLU A 118 12.51 17.47 -18.52
N LYS A 119 13.29 16.91 -17.61
CA LYS A 119 13.00 16.96 -16.16
C LYS A 119 11.63 16.35 -15.94
N ASP A 120 10.72 16.98 -15.19
CA ASP A 120 9.40 16.44 -14.87
C ASP A 120 8.48 16.33 -16.08
N ASN A 121 8.85 16.93 -17.21
CA ASN A 121 8.06 16.83 -18.43
C ASN A 121 8.51 15.68 -19.33
N ILE A 122 9.42 14.81 -18.87
CA ILE A 122 9.73 13.61 -19.64
C ILE A 122 8.44 12.81 -19.86
N VAL A 123 8.26 12.30 -21.09
CA VAL A 123 7.01 11.65 -21.48
C VAL A 123 7.16 10.15 -21.30
N LEU A 124 6.22 9.55 -20.58
CA LEU A 124 6.21 8.12 -20.30
C LEU A 124 5.10 7.45 -21.11
N GLY A 125 5.18 6.13 -21.22
CA GLY A 125 4.05 5.37 -21.71
C GLY A 125 3.68 5.65 -23.15
N GLU A 126 4.61 6.19 -23.93
CA GLU A 126 4.33 6.54 -25.32
C GLU A 126 5.43 6.05 -26.26
N GLY A 127 6.22 5.07 -25.83
CA GLY A 127 7.24 4.45 -26.67
C GLY A 127 8.61 5.08 -26.61
N GLY A 128 8.76 6.25 -25.99
CA GLY A 128 10.09 6.80 -25.83
C GLY A 128 10.85 6.08 -24.73
N ILE A 129 10.82 6.65 -23.53
CA ILE A 129 11.56 6.07 -22.42
C ILE A 129 10.89 4.78 -21.98
N THR A 130 11.71 3.75 -21.76
CA THR A 130 11.28 2.50 -21.15
C THR A 130 11.76 2.52 -19.70
N LEU A 131 10.83 2.60 -18.77
CA LEU A 131 11.20 2.67 -17.36
C LEU A 131 11.58 1.30 -16.83
N SER A 132 12.48 1.29 -15.84
CA SER A 132 12.80 0.06 -15.13
C SER A 132 11.62 -0.32 -14.23
N GLY A 133 11.62 -1.58 -13.76
CA GLY A 133 10.55 -1.99 -12.85
C GLY A 133 10.57 -1.18 -11.57
N GLY A 134 11.76 -0.88 -11.06
CA GLY A 134 11.86 -0.08 -9.85
C GLY A 134 11.40 1.35 -10.05
N GLN A 135 11.70 1.93 -11.22
CA GLN A 135 11.20 3.27 -11.51
C GLN A 135 9.69 3.27 -11.57
N ARG A 136 9.11 2.30 -12.28
CA ARG A 136 7.66 2.25 -12.39
C ARG A 136 7.00 2.06 -11.03
N ALA A 137 7.62 1.27 -10.16
CA ALA A 137 7.06 1.06 -8.83
C ALA A 137 7.07 2.34 -7.99
N ARG A 138 8.16 3.09 -8.05
CA ARG A 138 8.23 4.33 -7.27
C ARG A 138 7.28 5.40 -7.83
N ILE A 139 7.10 5.44 -9.15
CA ILE A 139 6.11 6.35 -9.73
C ILE A 139 4.71 5.96 -9.26
N SER A 140 4.40 4.66 -9.27
CA SER A 140 3.10 4.21 -8.81
C SER A 140 2.86 4.53 -7.35
N LEU A 141 3.88 4.33 -6.51
CA LEU A 141 3.77 4.71 -5.09
C LEU A 141 3.56 6.21 -4.95
N ALA A 142 4.38 7.00 -5.67
CA ALA A 142 4.24 8.45 -5.63
C ALA A 142 2.83 8.89 -6.02
N ARG A 143 2.27 8.29 -7.08
CA ARG A 143 0.90 8.60 -7.47
C ARG A 143 -0.07 8.38 -6.31
N ALA A 144 0.05 7.25 -5.61
CA ALA A 144 -0.91 6.95 -4.55
C ALA A 144 -0.71 7.85 -3.34
N VAL A 145 0.53 8.28 -3.08
CA VAL A 145 0.83 9.08 -1.91
C VAL A 145 0.45 10.54 -2.17
N TYR A 146 0.51 10.97 -3.43
CA TYR A 146 0.16 12.34 -3.76
C TYR A 146 -1.32 12.60 -3.54
N LYS A 147 -2.16 11.63 -3.88
CA LYS A 147 -3.59 11.77 -3.67
C LYS A 147 -3.89 12.06 -2.20
N ASP A 148 -4.76 13.04 -1.95
CA ASP A 148 -5.21 13.27 -0.59
C ASP A 148 -6.32 12.28 -0.27
N ALA A 149 -6.16 11.57 0.85
CA ALA A 149 -7.11 10.52 1.21
C ALA A 149 -7.11 10.35 2.72
N ASP A 150 -8.17 9.72 3.22
CA ASP A 150 -8.19 9.35 4.64
C ASP A 150 -7.50 8.03 4.91
N LEU A 151 -7.43 7.15 3.91
CA LEU A 151 -6.86 5.83 4.13
C LEU A 151 -6.00 5.45 2.93
N TYR A 152 -4.75 5.06 3.19
CA TYR A 152 -3.78 4.68 2.17
C TYR A 152 -3.59 3.17 2.21
N LEU A 153 -3.89 2.51 1.10
CA LEU A 153 -3.79 1.06 0.95
C LEU A 153 -2.62 0.80 0.00
N LEU A 154 -1.48 0.41 0.55
CA LEU A 154 -0.25 0.27 -0.22
C LEU A 154 0.05 -1.21 -0.34
N ASP A 155 -0.29 -1.80 -1.49
CA ASP A 155 -0.18 -3.25 -1.68
C ASP A 155 1.19 -3.59 -2.28
N SER A 156 2.12 -4.02 -1.42
CA SER A 156 3.46 -4.45 -1.83
CA SER A 156 3.45 -4.44 -1.83
C SER A 156 4.09 -3.46 -2.81
N PRO A 157 4.26 -2.19 -2.41
CA PRO A 157 4.63 -1.16 -3.38
C PRO A 157 6.11 -1.12 -3.73
N PHE A 158 6.93 -1.93 -3.06
CA PHE A 158 8.37 -1.85 -3.18
C PHE A 158 8.93 -2.89 -4.13
N GLY A 159 8.13 -3.27 -5.13
CA GLY A 159 8.57 -4.25 -6.09
C GLY A 159 9.74 -3.72 -6.92
N TYR A 160 10.72 -4.59 -7.12
CA TYR A 160 11.90 -4.38 -7.94
C TYR A 160 12.94 -3.54 -7.22
N LEU A 161 12.72 -3.13 -5.98
CA LEU A 161 13.69 -2.30 -5.27
C LEU A 161 14.65 -3.17 -4.47
N ASP A 162 15.92 -2.76 -4.42
CA ASP A 162 16.87 -3.44 -3.56
C ASP A 162 16.56 -3.16 -2.09
N VAL A 163 17.12 -3.97 -1.19
CA VAL A 163 16.68 -3.90 0.20
C VAL A 163 17.00 -2.55 0.84
N LEU A 164 18.12 -1.92 0.48
CA LEU A 164 18.43 -0.62 1.10
C LEU A 164 17.50 0.47 0.58
N THR A 165 17.27 0.51 -0.73
CA THR A 165 16.32 1.49 -1.28
C THR A 165 14.93 1.31 -0.69
N GLU A 166 14.48 0.06 -0.58
CA GLU A 166 13.18 -0.22 0.06
C GLU A 166 13.14 0.33 1.47
N LYS A 167 14.17 0.03 2.26
CA LYS A 167 14.27 0.54 3.62
C LYS A 167 14.24 2.06 3.65
N GLU A 168 14.99 2.71 2.77
CA GLU A 168 15.04 4.17 2.80
C GLU A 168 13.69 4.79 2.45
N ILE A 169 13.01 4.23 1.45
CA ILE A 169 11.72 4.79 1.03
C ILE A 169 10.62 4.45 2.02
N PHE A 170 10.62 3.23 2.57
CA PHE A 170 9.72 2.93 3.69
C PHE A 170 9.84 4.00 4.77
N GLU A 171 11.08 4.38 5.12
CA GLU A 171 11.28 5.37 6.18
C GLU A 171 10.92 6.77 5.73
N SER A 172 11.36 7.19 4.53
CA SER A 172 11.13 8.57 4.13
C SER A 172 9.68 8.82 3.71
N CYS A 173 9.05 7.83 3.06
CA CYS A 173 7.69 8.02 2.55
C CYS A 173 6.67 7.52 3.55
N VAL A 174 6.71 6.23 3.88
CA VAL A 174 5.64 5.65 4.67
C VAL A 174 5.68 6.12 6.12
N CYS A 175 6.87 6.30 6.69
CA CYS A 175 7.01 6.64 8.11
C CYS A 175 7.07 8.13 8.38
N LYS A 176 7.72 8.91 7.51
CA LYS A 176 7.88 10.33 7.78
C LYS A 176 6.87 11.18 7.01
N LEU A 177 6.89 11.10 5.67
CA LEU A 177 5.97 11.93 4.90
C LEU A 177 4.52 11.62 5.25
N MET A 178 4.21 10.35 5.48
CA MET A 178 2.84 9.93 5.75
C MET A 178 2.57 9.70 7.24
N ALA A 179 3.40 10.28 8.11
CA ALA A 179 3.29 10.00 9.55
C ALA A 179 1.91 10.33 10.12
N ASN A 180 1.18 11.26 9.49
CA ASN A 180 -0.10 11.64 10.09
C ASN A 180 -1.27 10.77 9.60
N LYS A 181 -1.03 9.84 8.69
CA LYS A 181 -2.09 9.28 7.87
C LYS A 181 -2.33 7.82 8.23
N THR A 182 -3.56 7.38 8.02
CA THR A 182 -3.89 5.99 8.31
C THR A 182 -3.43 5.15 7.13
N ARG A 183 -2.60 4.15 7.40
CA ARG A 183 -1.90 3.40 6.37
C ARG A 183 -2.09 1.91 6.61
N ILE A 184 -2.42 1.18 5.54
CA ILE A 184 -2.31 -0.28 5.54
C ILE A 184 -1.29 -0.62 4.49
N LEU A 185 -0.22 -1.28 4.90
CA LEU A 185 0.90 -1.62 4.03
C LEU A 185 1.02 -3.12 3.96
N VAL A 186 0.82 -3.69 2.76
CA VAL A 186 1.08 -5.11 2.55
C VAL A 186 2.57 -5.27 2.32
N THR A 187 3.23 -6.01 3.20
CA THR A 187 4.68 -6.11 3.21
C THR A 187 5.05 -7.27 4.12
N SER A 188 6.20 -7.89 3.84
CA SER A 188 6.68 -8.98 4.67
CA SER A 188 6.71 -9.00 4.63
C SER A 188 7.98 -8.66 5.39
N LYS A 189 8.53 -7.46 5.21
CA LYS A 189 9.87 -7.14 5.69
C LYS A 189 9.87 -6.87 7.19
N MET A 190 10.89 -7.39 7.87
CA MET A 190 10.95 -7.33 9.33
C MET A 190 10.88 -5.90 9.86
N GLU A 191 11.64 -4.97 9.28
CA GLU A 191 11.62 -3.61 9.83
C GLU A 191 10.23 -2.99 9.71
N HIS A 192 9.50 -3.32 8.64
CA HIS A 192 8.19 -2.73 8.45
C HIS A 192 7.22 -3.26 9.50
N LEU A 193 7.30 -4.55 9.81
CA LEU A 193 6.47 -5.12 10.87
C LEU A 193 6.84 -4.52 12.22
N LYS A 194 8.14 -4.33 12.45
CA LYS A 194 8.60 -3.78 13.72
C LYS A 194 8.10 -2.35 13.92
N LYS A 195 8.08 -1.55 12.86
CA LYS A 195 7.66 -0.16 12.95
C LYS A 195 6.14 0.01 12.94
N ALA A 196 5.38 -0.96 12.46
CA ALA A 196 3.93 -0.83 12.39
C ALA A 196 3.31 -0.81 13.79
N ASP A 197 2.16 -0.12 13.90
CA ASP A 197 1.40 -0.14 15.15
C ASP A 197 0.78 -1.51 15.40
N LYS A 198 0.34 -2.19 14.33
CA LYS A 198 -0.18 -3.54 14.43
C LYS A 198 0.29 -4.32 13.22
N ILE A 199 0.34 -5.65 13.38
CA ILE A 199 0.74 -6.59 12.35
C ILE A 199 -0.38 -7.62 12.20
N LEU A 200 -0.76 -7.91 10.96
CA LEU A 200 -1.67 -9.00 10.63
C LEU A 200 -0.97 -9.92 9.64
N ILE A 201 -0.69 -11.14 10.06
CA ILE A 201 -0.09 -12.14 9.19
C ILE A 201 -1.18 -13.11 8.78
N LEU A 202 -1.43 -13.18 7.48
CA LEU A 202 -2.45 -14.04 6.90
C LEU A 202 -1.80 -15.32 6.40
N HIS A 203 -2.51 -16.44 6.52
CA HIS A 203 -2.07 -17.68 5.90
C HIS A 203 -3.30 -18.43 5.40
N GLU A 204 -3.37 -18.63 4.09
CA GLU A 204 -4.49 -19.31 3.44
C GLU A 204 -5.82 -18.77 3.95
N GLY A 205 -5.93 -17.44 4.04
CA GLY A 205 -7.16 -16.81 4.46
C GLY A 205 -7.32 -16.59 5.96
N SER A 206 -6.58 -17.32 6.80
CA SER A 206 -6.75 -17.24 8.25
C SER A 206 -5.73 -16.29 8.85
N SER A 207 -6.05 -15.81 10.06
CA SER A 207 -5.13 -15.00 10.87
C SER A 207 -4.07 -15.88 11.53
N TYR A 208 -2.88 -15.89 10.92
CA TYR A 208 -1.73 -16.58 11.49
C TYR A 208 -1.24 -15.90 12.76
N PHE A 209 -1.24 -14.57 12.76
CA PHE A 209 -0.85 -13.79 13.93
C PHE A 209 -1.46 -12.41 13.82
N TYR A 210 -1.95 -11.89 14.93
CA TYR A 210 -2.35 -10.49 14.98
C TYR A 210 -1.93 -9.88 16.32
N GLY A 211 -1.28 -8.75 16.26
CA GLY A 211 -0.72 -8.13 17.47
C GLY A 211 0.41 -7.20 17.09
N THR A 212 1.37 -7.05 18.00
CA THR A 212 2.53 -6.23 17.74
C THR A 212 3.80 -7.07 17.57
N PHE A 213 4.81 -6.45 16.94
CA PHE A 213 6.10 -7.09 16.81
C PHE A 213 6.67 -7.45 18.18
N SER A 214 6.51 -6.56 19.16
CA SER A 214 6.97 -6.83 20.52
C SER A 214 6.28 -8.07 21.10
N GLU A 215 4.97 -8.19 20.89
CA GLU A 215 4.24 -9.36 21.38
C GLU A 215 4.77 -10.63 20.73
N LEU A 216 5.06 -10.58 19.43
CA LEU A 216 5.61 -11.75 18.77
C LEU A 216 7.00 -12.11 19.29
N GLN A 217 7.85 -11.11 19.54
CA GLN A 217 9.15 -11.39 20.12
C GLN A 217 9.01 -12.06 21.48
N ASN A 218 8.00 -11.67 22.27
CA ASN A 218 7.80 -12.27 23.59
C ASN A 218 7.32 -13.72 23.53
N LEU A 219 6.90 -14.21 22.38
CA LEU A 219 6.50 -15.61 22.22
C LEU A 219 7.65 -16.52 21.84
N GLN A 220 8.86 -15.97 21.66
CA GLN A 220 10.02 -16.76 21.23
C GLN A 220 10.68 -17.48 22.39
#